data_3UX8
#
_entry.id   3UX8
#
_cell.length_a   128.653
_cell.length_b   51.330
_cell.length_c   112.395
_cell.angle_alpha   90.00
_cell.angle_beta   97.27
_cell.angle_gamma   90.00
#
_symmetry.space_group_name_H-M   'C 1 2 1'
#
loop_
_entity.id
_entity.type
_entity.pdbx_description
1 polymer 'Excinuclease ABC, A subunit'
2 non-polymer 'ZINC ION'
3 non-polymer "ADENOSINE-5'-DIPHOSPHATE"
4 water water
#
_entity_poly.entity_id   1
_entity_poly.type   'polypeptide(L)'
_entity_poly.pdbx_seq_one_letter_code
;MGSSHHHHHHSSGLVPRGSHMDKIIVKGARAHNLKNIDVEIPRGKLVVLTGLSGSGKSSLAFDTIYAEGQRRYVESLSAY
ARQFLGQMEKPDVDAIEGLSPAISIDQKTTSRNPRSTVGTVTEIYDYLRLLFARIGRLVGGKHIGEVTAMSVTEALAFFD
GLELTEKEAQIARLILREIRDRLGFLQNVGLDYLTLSRSAGTLSGGEAQRIRLATQIGSRLTGVLYVLDEPSIGLHQRDN
DRLIATLKSMRDLGNTLIVVEHDEDTMLAADYLIDIGPGAGIHGGEVVAAGTPEEVMNDPNSLTGQYLSGKKFIPIPAER
RRPDGRWLEVVGAREHNLKNVSVKIPLGTFVAVTGVSGSGKSTLVNEVLYKALAQKLHRAKAKPGEHRDIRGLEHLDKVI
DIDQSPIGRTPRSNPATYTGVFDDIRDVFASTNEAKVRGYKKGRFSFNVKGGRCEACHGDGIIKIEMHFLPDVYVPCEVC
HGKRYNRETLEVTYKGKNIAEVLDMTVEDALDFFASIPKIKRKLETLYDVGLGYMKLGQPATTLSGGEAQRVKLAAELHR
RSNGRTLYILDEPTTGLHVDDIARLLDVLHRLVDNGDTVLVIEHNLDVIKTADYIIDLGPEGGDRGGQIVAVGTPEEVAE
VKESHTGRYLKPILERDRARMQARYEAAKA
;
_entity_poly.pdbx_strand_id   A
#
loop_
_chem_comp.id
_chem_comp.type
_chem_comp.name
_chem_comp.formula
ADP non-polymer ADENOSINE-5'-DIPHOSPHATE 'C10 H15 N5 O10 P2'
ZN non-polymer 'ZINC ION' 'Zn 2'
#
# COMPACT_ATOMS: atom_id res chain seq x y z
N ASP A 22 -15.09 -12.79 28.31
CA ASP A 22 -13.70 -12.31 28.00
C ASP A 22 -13.25 -12.64 26.58
N LYS A 23 -14.20 -13.06 25.74
CA LYS A 23 -13.94 -13.25 24.33
C LYS A 23 -14.96 -12.56 23.44
N ILE A 24 -14.49 -11.99 22.33
CA ILE A 24 -15.36 -11.60 21.23
C ILE A 24 -15.51 -12.81 20.34
N ILE A 25 -16.75 -13.29 20.19
CA ILE A 25 -17.04 -14.45 19.36
C ILE A 25 -17.75 -13.99 18.10
N VAL A 26 -17.08 -14.19 16.97
CA VAL A 26 -17.63 -13.89 15.67
C VAL A 26 -18.09 -15.21 15.06
N LYS A 27 -19.31 -15.22 14.55
CA LYS A 27 -19.87 -16.43 13.98
C LYS A 27 -20.45 -16.10 12.61
N GLY A 28 -20.01 -16.83 11.58
CA GLY A 28 -20.54 -16.68 10.23
C GLY A 28 -20.32 -15.33 9.55
N ALA A 29 -19.09 -14.84 9.59
CA ALA A 29 -18.73 -13.56 8.94
C ALA A 29 -18.53 -13.71 7.43
N ARG A 30 -19.27 -12.91 6.66
CA ARG A 30 -19.30 -13.07 5.19
C ARG A 30 -18.97 -11.79 4.42
N ALA A 31 -18.60 -10.72 5.12
CA ALA A 31 -18.31 -9.43 4.45
C ALA A 31 -17.24 -9.65 3.39
N HIS A 32 -17.43 -9.02 2.24
CA HIS A 32 -16.52 -9.12 1.10
C HIS A 32 -16.07 -10.53 0.85
N ASN A 33 -14.79 -10.82 0.98
CA ASN A 33 -14.26 -12.15 0.64
C ASN A 33 -14.22 -13.12 1.82
N LEU A 34 -14.73 -12.71 2.98
CA LEU A 34 -14.75 -13.60 4.16
C LEU A 34 -15.61 -14.82 3.87
N LYS A 35 -15.07 -16.00 4.16
CA LYS A 35 -15.71 -17.26 3.80
C LYS A 35 -16.48 -17.89 4.96
N ASN A 36 -17.49 -17.16 5.41
CA ASN A 36 -18.41 -17.62 6.45
C ASN A 36 -17.69 -18.14 7.71
N ILE A 37 -16.74 -17.34 8.20
CA ILE A 37 -15.81 -17.79 9.23
C ILE A 37 -16.25 -17.46 10.65
N ASP A 38 -15.78 -18.29 11.58
CA ASP A 38 -15.94 -18.09 13.02
C ASP A 38 -14.57 -17.79 13.57
N VAL A 39 -14.49 -16.82 14.45
CA VAL A 39 -13.23 -16.41 15.06
C VAL A 39 -13.48 -15.99 16.51
N GLU A 40 -12.55 -16.37 17.38
CA GLU A 40 -12.54 -15.94 18.77
C GLU A 40 -11.43 -14.93 18.97
N ILE A 41 -11.76 -13.78 19.54
CA ILE A 41 -10.76 -12.76 19.87
C ILE A 41 -10.82 -12.51 21.36
N PRO A 42 -9.66 -12.65 22.06
CA PRO A 42 -9.64 -12.40 23.51
C PRO A 42 -9.77 -10.92 23.85
N ARG A 43 -10.58 -10.62 24.85
CA ARG A 43 -10.85 -9.24 25.25
C ARG A 43 -9.82 -8.71 26.23
N GLY A 44 -9.65 -7.39 26.26
CA GLY A 44 -8.65 -6.75 27.12
C GLY A 44 -7.22 -7.02 26.68
N LYS A 45 -7.04 -7.37 25.40
CA LYS A 45 -5.74 -7.74 24.88
C LYS A 45 -5.35 -6.91 23.67
N LEU A 46 -4.04 -6.85 23.42
CA LEU A 46 -3.53 -6.35 22.16
C LEU A 46 -3.54 -7.49 21.12
N VAL A 47 -4.52 -7.41 20.22
CA VAL A 47 -4.73 -8.44 19.21
C VAL A 47 -4.36 -7.85 17.84
N VAL A 48 -3.49 -8.55 17.11
CA VAL A 48 -3.09 -8.13 15.78
C VAL A 48 -3.71 -9.06 14.73
N LEU A 49 -4.33 -8.46 13.72
CA LEU A 49 -4.83 -9.20 12.55
C LEU A 49 -3.89 -8.91 11.41
N THR A 50 -3.39 -9.96 10.77
CA THR A 50 -2.48 -9.80 9.65
C THR A 50 -2.87 -10.67 8.46
N GLY A 51 -2.06 -10.60 7.41
CA GLY A 51 -2.31 -11.35 6.17
C GLY A 51 -1.88 -10.49 5.00
N LEU A 52 -1.98 -11.03 3.78
CA LEU A 52 -1.72 -10.24 2.58
C LEU A 52 -2.67 -9.05 2.48
N SER A 53 -2.28 -8.07 1.68
CA SER A 53 -3.17 -7.01 1.28
C SER A 53 -4.34 -7.67 0.55
N GLY A 54 -5.57 -7.31 0.92
CA GLY A 54 -6.78 -7.93 0.33
C GLY A 54 -7.09 -9.34 0.82
N SER A 55 -6.44 -9.77 1.90
CA SER A 55 -6.70 -11.09 2.52
C SER A 55 -8.09 -11.18 3.15
N GLY A 56 -8.63 -10.04 3.57
CA GLY A 56 -9.89 -9.99 4.32
C GLY A 56 -9.71 -9.53 5.77
N LYS A 57 -8.46 -9.38 6.23
CA LYS A 57 -8.22 -8.89 7.58
C LYS A 57 -8.97 -7.56 7.87
N SER A 58 -9.06 -6.71 6.84
CA SER A 58 -9.78 -5.44 6.91
C SER A 58 -11.29 -5.59 7.01
N SER A 59 -11.84 -6.54 6.25
CA SER A 59 -13.27 -6.85 6.30
C SER A 59 -13.70 -7.40 7.67
N LEU A 60 -12.83 -8.20 8.28
CA LEU A 60 -13.06 -8.72 9.62
C LEU A 60 -13.02 -7.63 10.70
N ALA A 61 -11.94 -6.85 10.73
CA ALA A 61 -11.76 -5.83 11.78
C ALA A 61 -12.76 -4.67 11.68
N PHE A 62 -12.93 -4.16 10.47
CA PHE A 62 -13.69 -2.93 10.25
C PHE A 62 -15.11 -3.16 9.76
N ASP A 63 -15.28 -3.89 8.66
CA ASP A 63 -16.62 -4.07 8.10
C ASP A 63 -17.49 -4.96 9.00
N THR A 64 -16.84 -5.75 9.86
CA THR A 64 -17.55 -6.69 10.72
C THR A 64 -17.54 -6.25 12.17
N ILE A 65 -16.39 -6.34 12.83
CA ILE A 65 -16.30 -6.12 14.28
C ILE A 65 -16.54 -4.66 14.70
N TYR A 66 -15.76 -3.73 14.13
CA TYR A 66 -15.94 -2.32 14.44
C TYR A 66 -17.36 -1.84 14.07
N ALA A 67 -17.83 -2.19 12.88
CA ALA A 67 -19.13 -1.71 12.41
C ALA A 67 -20.26 -2.13 13.35
N GLU A 68 -20.25 -3.39 13.76
CA GLU A 68 -21.26 -3.92 14.66
C GLU A 68 -21.19 -3.30 16.07
N GLY A 69 -19.98 -3.15 16.60
CA GLY A 69 -19.77 -2.56 17.92
C GLY A 69 -20.22 -1.10 17.96
N GLN A 70 -19.91 -0.36 16.91
CA GLN A 70 -20.30 1.03 16.83
C GLN A 70 -21.81 1.16 16.63
N ARG A 71 -22.36 0.41 15.67
CA ARG A 71 -23.79 0.43 15.37
C ARG A 71 -24.65 0.17 16.63
N ARG A 72 -24.27 -0.85 17.40
CA ARG A 72 -25.00 -1.22 18.60
C ARG A 72 -25.03 -0.11 19.64
N TYR A 73 -23.91 0.58 19.83
CA TYR A 73 -23.92 1.69 20.79
C TYR A 73 -24.71 2.87 20.24
N VAL A 74 -24.52 3.18 18.96
CA VAL A 74 -25.19 4.32 18.33
C VAL A 74 -26.71 4.22 18.30
N GLU A 75 -27.26 3.02 18.15
CA GLU A 75 -28.71 2.81 18.34
C GLU A 75 -29.22 3.52 19.59
N SER A 76 -28.41 3.56 20.65
CA SER A 76 -28.79 4.22 21.88
C SER A 76 -28.82 5.74 21.71
N PRO A 91 -23.85 -5.39 8.72
CA PRO A 91 -22.80 -6.31 8.22
C PRO A 91 -23.29 -7.74 8.16
N ASP A 92 -22.89 -8.44 7.10
CA ASP A 92 -23.27 -9.82 6.84
C ASP A 92 -22.54 -10.78 7.78
N VAL A 93 -23.20 -11.10 8.89
CA VAL A 93 -22.63 -11.97 9.93
C VAL A 93 -23.78 -12.62 10.72
N ASP A 94 -23.62 -13.87 11.14
CA ASP A 94 -24.67 -14.55 11.92
C ASP A 94 -24.83 -13.91 13.30
N ALA A 95 -23.75 -13.91 14.07
CA ALA A 95 -23.79 -13.35 15.40
C ALA A 95 -22.40 -12.88 15.82
N ILE A 96 -22.38 -11.84 16.65
CA ILE A 96 -21.16 -11.43 17.32
C ILE A 96 -21.46 -11.27 18.80
N GLU A 97 -20.74 -12.03 19.61
CA GLU A 97 -20.93 -12.03 21.05
C GLU A 97 -19.75 -11.32 21.69
N GLY A 98 -20.01 -10.64 22.81
CA GLY A 98 -18.97 -9.98 23.58
C GLY A 98 -18.45 -8.67 23.00
N LEU A 99 -19.24 -7.99 22.17
CA LEU A 99 -18.86 -6.69 21.64
C LEU A 99 -18.95 -5.61 22.70
N SER A 100 -18.08 -4.63 22.59
CA SER A 100 -18.16 -3.39 23.38
C SER A 100 -18.34 -2.28 22.36
N PRO A 101 -18.75 -1.08 22.82
CA PRO A 101 -18.81 0.08 21.91
C PRO A 101 -17.44 0.30 21.28
N ALA A 102 -17.40 0.40 19.94
CA ALA A 102 -16.15 0.44 19.20
C ALA A 102 -15.78 1.79 18.56
N ILE A 103 -14.49 2.07 18.59
CA ILE A 103 -13.90 3.28 18.05
C ILE A 103 -12.81 2.86 17.06
N SER A 104 -12.86 3.43 15.85
CA SER A 104 -11.83 3.15 14.85
C SER A 104 -10.76 4.23 14.86
N ILE A 105 -9.53 3.82 14.56
CA ILE A 105 -8.42 4.75 14.45
C ILE A 105 -7.78 4.46 13.11
N ASP A 106 -8.23 5.23 12.12
CA ASP A 106 -7.76 5.13 10.75
C ASP A 106 -7.72 6.55 10.16
N GLN A 107 -7.72 6.64 8.84
CA GLN A 107 -7.62 7.95 8.18
C GLN A 107 -8.98 8.44 7.73
N LYS A 108 -10.01 7.64 8.02
CA LYS A 108 -11.39 8.00 7.68
C LYS A 108 -12.03 8.91 8.73
N THR A 109 -11.17 9.46 9.60
CA THR A 109 -11.54 10.29 10.77
C THR A 109 -12.28 9.53 11.87
N ARG A 115 -11.72 24.70 6.56
CA ARG A 115 -10.38 24.17 6.79
C ARG A 115 -9.98 24.27 8.26
N SER A 116 -9.89 23.10 8.91
CA SER A 116 -9.48 23.00 10.30
C SER A 116 -7.97 22.76 10.42
N THR A 117 -7.48 22.82 11.65
CA THR A 117 -6.04 22.73 11.92
C THR A 117 -5.74 21.72 13.02
N VAL A 118 -4.46 21.41 13.21
CA VAL A 118 -4.00 20.58 14.33
C VAL A 118 -4.61 21.05 15.65
N GLY A 119 -4.52 22.36 15.92
CA GLY A 119 -5.05 22.95 17.16
C GLY A 119 -6.54 22.73 17.37
N THR A 120 -7.33 22.96 16.33
CA THR A 120 -8.79 22.78 16.38
C THR A 120 -9.20 21.30 16.49
N VAL A 121 -8.47 20.42 15.80
CA VAL A 121 -8.82 19.00 15.80
C VAL A 121 -8.56 18.34 17.16
N THR A 122 -7.45 18.69 17.80
CA THR A 122 -7.19 18.19 19.16
C THR A 122 -7.88 19.07 20.22
N GLU A 123 -8.64 20.05 19.73
CA GLU A 123 -9.33 21.08 20.54
C GLU A 123 -8.43 21.95 21.45
N ILE A 124 -7.12 21.89 21.21
CA ILE A 124 -6.09 22.50 22.09
C ILE A 124 -6.25 23.99 22.48
N TYR A 125 -7.01 24.76 21.70
CA TYR A 125 -7.32 26.15 22.05
C TYR A 125 -7.95 26.31 23.46
N SER A 151 4.96 24.81 17.45
CA SER A 151 5.61 23.52 17.67
C SER A 151 5.08 22.91 18.95
N VAL A 152 4.96 21.58 18.99
CA VAL A 152 4.53 20.88 20.22
C VAL A 152 5.67 20.89 21.25
N ILE A 179 -4.64 21.86 28.41
CA ILE A 179 -3.68 22.36 27.45
C ILE A 179 -2.41 21.49 27.42
N ARG A 180 -1.77 21.31 28.58
CA ARG A 180 -0.56 20.49 28.66
C ARG A 180 -0.83 19.00 28.43
N ASP A 181 -2.01 18.54 28.86
CA ASP A 181 -2.44 17.14 28.78
C ASP A 181 -2.38 16.62 27.33
N ARG A 182 -3.03 17.36 26.44
CA ARG A 182 -3.10 16.99 25.03
C ARG A 182 -1.71 16.95 24.40
N LEU A 183 -0.94 18.03 24.57
CA LEU A 183 0.40 18.16 23.98
C LEU A 183 1.27 16.93 24.24
N GLY A 184 1.18 16.40 25.46
CA GLY A 184 1.85 15.15 25.81
C GLY A 184 1.44 13.96 24.96
N PHE A 185 0.14 13.87 24.63
CA PHE A 185 -0.36 12.77 23.78
C PHE A 185 0.14 12.89 22.34
N LEU A 186 0.20 14.11 21.82
CA LEU A 186 0.79 14.36 20.51
C LEU A 186 2.26 13.92 20.46
N GLN A 187 2.98 14.15 21.55
CA GLN A 187 4.35 13.65 21.65
C GLN A 187 4.41 12.13 21.68
N ASN A 188 3.50 11.52 22.43
CA ASN A 188 3.43 10.06 22.55
C ASN A 188 3.19 9.33 21.23
N VAL A 189 2.47 9.97 20.33
CA VAL A 189 2.15 9.38 19.04
C VAL A 189 3.18 9.77 17.97
N GLY A 190 4.20 10.52 18.40
CA GLY A 190 5.33 10.88 17.53
C GLY A 190 5.11 12.08 16.62
N LEU A 191 4.33 13.04 17.12
CA LEU A 191 3.94 14.20 16.35
C LEU A 191 4.38 15.51 16.98
N ASP A 192 5.43 15.47 17.80
CA ASP A 192 5.89 16.68 18.51
C ASP A 192 6.52 17.73 17.56
N TYR A 193 6.84 17.33 16.35
CA TYR A 193 7.35 18.27 15.35
C TYR A 193 6.26 19.08 14.66
N LEU A 194 5.00 18.68 14.82
CA LEU A 194 3.92 19.42 14.19
C LEU A 194 3.74 20.76 14.90
N THR A 195 3.26 21.76 14.16
CA THR A 195 2.85 23.05 14.73
C THR A 195 1.33 23.06 14.89
N LEU A 196 0.82 23.86 15.83
CA LEU A 196 -0.60 23.87 16.15
C LEU A 196 -1.43 24.56 15.07
N SER A 197 -0.77 25.40 14.29
CA SER A 197 -1.38 26.13 13.20
C SER A 197 -1.55 25.30 11.92
N ARG A 198 -0.85 24.16 11.85
CA ARG A 198 -0.84 23.35 10.64
C ARG A 198 -2.23 22.98 10.14
N SER A 199 -2.48 23.20 8.86
CA SER A 199 -3.71 22.76 8.21
C SER A 199 -3.84 21.23 8.24
N ALA A 200 -4.92 20.76 8.84
CA ALA A 200 -5.26 19.33 8.89
C ALA A 200 -5.27 18.75 7.48
N GLY A 201 -5.70 19.55 6.53
CA GLY A 201 -5.70 19.17 5.12
C GLY A 201 -4.33 18.89 4.51
N THR A 202 -3.27 19.40 5.12
CA THR A 202 -1.90 19.14 4.64
C THR A 202 -1.12 18.07 5.42
N LEU A 203 -1.79 17.39 6.34
CA LEU A 203 -1.18 16.27 7.04
C LEU A 203 -1.17 15.06 6.12
N SER A 204 -0.13 14.25 6.20
CA SER A 204 -0.13 12.95 5.56
C SER A 204 -1.23 12.10 6.23
N GLY A 205 -1.65 11.03 5.55
CA GLY A 205 -2.56 10.06 6.14
C GLY A 205 -2.06 9.45 7.44
N GLY A 206 -0.77 9.14 7.49
CA GLY A 206 -0.13 8.64 8.71
C GLY A 206 -0.19 9.65 9.85
N GLU A 207 0.05 10.92 9.55
CA GLU A 207 -0.09 11.97 10.56
C GLU A 207 -1.53 12.13 11.07
N ALA A 208 -2.50 12.12 10.15
CA ALA A 208 -3.90 12.27 10.49
C ALA A 208 -4.37 11.15 11.41
N GLN A 209 -4.00 9.92 11.06
CA GLN A 209 -4.22 8.73 11.88
C GLN A 209 -3.63 8.87 13.28
N ARG A 210 -2.46 9.48 13.40
CA ARG A 210 -1.84 9.61 14.71
C ARG A 210 -2.39 10.75 15.56
N ILE A 211 -2.88 11.81 14.92
CA ILE A 211 -3.66 12.85 15.61
C ILE A 211 -4.93 12.22 16.20
N ARG A 212 -5.62 11.44 15.38
CA ARG A 212 -6.82 10.71 15.82
C ARG A 212 -6.50 9.80 17.01
N LEU A 213 -5.40 9.05 16.93
CA LEU A 213 -4.93 8.24 18.05
C LEU A 213 -4.68 9.08 19.33
N ALA A 214 -4.02 10.22 19.18
CA ALA A 214 -3.78 11.12 20.30
C ALA A 214 -5.10 11.59 20.94
N THR A 215 -6.04 12.07 20.13
CA THR A 215 -7.34 12.52 20.64
C THR A 215 -8.03 11.42 21.44
N GLN A 216 -8.01 10.19 20.89
CA GLN A 216 -8.60 9.04 21.55
C GLN A 216 -7.92 8.64 22.87
N ILE A 217 -6.59 8.68 22.92
CA ILE A 217 -5.91 8.42 24.20
C ILE A 217 -6.34 9.48 25.23
N GLY A 218 -6.58 10.70 24.76
CA GLY A 218 -6.98 11.82 25.60
C GLY A 218 -8.28 11.58 26.34
N SER A 219 -9.15 10.77 25.75
CA SER A 219 -10.49 10.52 26.27
C SER A 219 -10.46 9.73 27.58
N ARG A 220 -9.37 9.00 27.80
CA ARG A 220 -9.16 8.19 29.01
C ARG A 220 -10.27 7.18 29.27
N LEU A 221 -10.90 6.71 28.19
CA LEU A 221 -12.03 5.79 28.30
C LEU A 221 -11.55 4.39 28.64
N THR A 222 -12.42 3.63 29.29
CA THR A 222 -12.18 2.22 29.58
C THR A 222 -13.38 1.41 29.06
N GLY A 223 -13.18 0.12 28.78
CA GLY A 223 -14.27 -0.75 28.31
C GLY A 223 -14.58 -0.60 26.83
N VAL A 224 -13.65 0.00 26.11
CA VAL A 224 -13.85 0.33 24.71
C VAL A 224 -13.13 -0.70 23.84
N LEU A 225 -13.70 -0.97 22.68
CA LEU A 225 -13.02 -1.78 21.69
C LEU A 225 -12.41 -0.84 20.65
N TYR A 226 -11.10 -0.70 20.65
CA TYR A 226 -10.40 0.13 19.65
C TYR A 226 -9.98 -0.71 18.45
N VAL A 227 -10.27 -0.22 17.24
CA VAL A 227 -9.87 -0.94 16.04
C VAL A 227 -8.97 -0.01 15.24
N LEU A 228 -7.70 -0.41 15.10
CA LEU A 228 -6.69 0.43 14.50
C LEU A 228 -6.21 -0.13 13.17
N ASP A 229 -6.17 0.76 12.18
CA ASP A 229 -5.64 0.36 10.89
C ASP A 229 -4.20 0.82 10.76
N GLU A 230 -3.28 -0.14 10.81
CA GLU A 230 -1.90 0.10 10.44
C GLU A 230 -1.30 1.36 11.10
N PRO A 231 -1.26 1.41 12.45
CA PRO A 231 -0.76 2.65 13.08
C PRO A 231 0.74 2.94 12.84
N SER A 232 1.49 1.97 12.26
CA SER A 232 2.91 2.20 11.99
C SER A 232 3.14 3.05 10.73
N ILE A 233 2.08 3.29 9.94
CA ILE A 233 2.24 4.12 8.73
C ILE A 233 2.92 5.44 9.07
N GLY A 234 3.98 5.77 8.32
CA GLY A 234 4.72 7.02 8.48
C GLY A 234 5.72 7.08 9.62
N LEU A 235 5.93 5.95 10.31
CA LEU A 235 6.72 5.94 11.53
C LEU A 235 8.04 5.21 11.31
N HIS A 236 9.12 5.87 11.70
CA HIS A 236 10.46 5.27 11.61
C HIS A 236 10.59 4.14 12.59
N GLN A 237 11.42 3.15 12.24
CA GLN A 237 11.70 2.03 13.12
C GLN A 237 12.10 2.49 14.54
N ARG A 238 12.82 3.61 14.64
CA ARG A 238 13.16 4.16 15.96
C ARG A 238 11.95 4.43 16.87
N ASP A 239 10.82 4.80 16.29
CA ASP A 239 9.65 5.12 17.08
C ASP A 239 8.72 3.93 17.26
N ASN A 240 9.18 2.75 16.85
CA ASN A 240 8.36 1.54 16.88
C ASN A 240 8.07 1.09 18.31
N ASP A 241 9.10 1.04 19.15
CA ASP A 241 8.94 0.70 20.56
C ASP A 241 7.94 1.59 21.29
N ARG A 242 7.99 2.89 21.05
CA ARG A 242 7.06 3.81 21.71
C ARG A 242 5.62 3.62 21.25
N LEU A 243 5.43 3.35 19.96
CA LEU A 243 4.12 3.02 19.45
C LEU A 243 3.56 1.78 20.17
N ILE A 244 4.37 0.73 20.28
CA ILE A 244 3.90 -0.47 20.93
C ILE A 244 3.56 -0.18 22.40
N ALA A 245 4.42 0.59 23.09
CA ALA A 245 4.14 0.97 24.50
C ALA A 245 2.85 1.77 24.65
N THR A 246 2.58 2.64 23.69
CA THR A 246 1.37 3.44 23.65
C THR A 246 0.13 2.55 23.53
N LEU A 247 0.19 1.57 22.63
CA LEU A 247 -0.91 0.62 22.42
C LEU A 247 -1.15 -0.23 23.68
N LYS A 248 -0.07 -0.70 24.28
CA LYS A 248 -0.20 -1.50 25.50
C LYS A 248 -0.76 -0.67 26.66
N SER A 249 -0.43 0.62 26.70
CA SER A 249 -1.02 1.51 27.70
C SER A 249 -2.54 1.68 27.55
N MET A 250 -3.01 1.76 26.32
CA MET A 250 -4.45 1.86 26.07
C MET A 250 -5.13 0.56 26.47
N ARG A 251 -4.52 -0.57 26.10
CA ARG A 251 -4.98 -1.88 26.56
C ARG A 251 -5.05 -1.97 28.08
N ASP A 252 -3.97 -1.55 28.74
CA ASP A 252 -3.89 -1.68 30.21
C ASP A 252 -4.86 -0.78 30.97
N LEU A 253 -5.43 0.20 30.29
CA LEU A 253 -6.47 1.03 30.86
C LEU A 253 -7.77 0.23 30.98
N GLY A 254 -7.88 -0.86 30.21
CA GLY A 254 -9.03 -1.77 30.33
C GLY A 254 -9.82 -1.79 29.05
N ASN A 255 -9.11 -1.80 27.92
CA ASN A 255 -9.71 -1.82 26.59
C ASN A 255 -9.20 -2.98 25.75
N THR A 256 -9.93 -3.28 24.69
CA THR A 256 -9.48 -4.28 23.73
C THR A 256 -8.93 -3.53 22.51
N LEU A 257 -7.77 -3.98 22.03
CA LEU A 257 -7.19 -3.42 20.81
C LEU A 257 -7.10 -4.47 19.71
N ILE A 258 -7.81 -4.21 18.63
CA ILE A 258 -7.67 -4.96 17.40
C ILE A 258 -6.87 -4.09 16.43
N VAL A 259 -5.67 -4.55 16.09
CA VAL A 259 -4.77 -3.79 15.25
C VAL A 259 -4.56 -4.55 13.95
N VAL A 260 -4.91 -3.90 12.84
CA VAL A 260 -4.62 -4.44 11.53
C VAL A 260 -3.19 -4.01 11.17
N GLU A 261 -2.27 -4.97 11.04
CA GLU A 261 -0.84 -4.68 10.82
C GLU A 261 -0.11 -5.76 10.01
N HIS A 262 1.07 -5.37 9.53
CA HIS A 262 1.98 -6.26 8.83
C HIS A 262 3.36 -6.10 9.40
N ASP A 263 3.53 -5.13 10.31
CA ASP A 263 4.83 -4.81 10.91
C ASP A 263 5.32 -5.91 11.87
N GLU A 264 6.54 -6.40 11.63
CA GLU A 264 7.15 -7.49 12.40
C GLU A 264 7.10 -7.29 13.92
N ASP A 265 7.63 -6.16 14.39
CA ASP A 265 7.71 -5.91 15.82
C ASP A 265 6.34 -5.85 16.50
N THR A 266 5.36 -5.21 15.85
CA THR A 266 4.01 -5.15 16.40
C THR A 266 3.40 -6.54 16.54
N MET A 267 3.54 -7.37 15.51
CA MET A 267 3.07 -8.76 15.55
C MET A 267 3.74 -9.53 16.70
N LEU A 268 5.06 -9.39 16.82
CA LEU A 268 5.80 -10.11 17.86
C LEU A 268 5.40 -9.66 19.26
N ALA A 269 5.01 -8.39 19.40
CA ALA A 269 4.60 -7.83 20.70
C ALA A 269 3.13 -8.09 21.04
N ALA A 270 2.39 -8.63 20.07
CA ALA A 270 0.96 -8.91 20.27
C ALA A 270 0.69 -9.92 21.39
N ASP A 271 -0.48 -9.82 22.03
CA ASP A 271 -0.92 -10.85 22.97
C ASP A 271 -1.42 -12.05 22.18
N TYR A 272 -2.04 -11.76 21.05
CA TYR A 272 -2.70 -12.76 20.25
C TYR A 272 -2.66 -12.28 18.81
N LEU A 273 -2.46 -13.23 17.90
CA LEU A 273 -2.19 -12.91 16.51
C LEU A 273 -3.05 -13.80 15.62
N ILE A 274 -3.71 -13.20 14.63
CA ILE A 274 -4.58 -13.93 13.72
C ILE A 274 -4.12 -13.72 12.27
N ASP A 275 -3.85 -14.82 11.60
CA ASP A 275 -3.38 -14.77 10.22
C ASP A 275 -4.58 -15.05 9.34
N ILE A 276 -4.98 -14.03 8.58
CA ILE A 276 -6.10 -14.16 7.69
C ILE A 276 -5.61 -14.42 6.29
N GLY A 277 -6.31 -15.36 5.65
CA GLY A 277 -6.29 -15.57 4.23
C GLY A 277 -5.13 -16.45 3.93
N PRO A 278 -5.35 -17.53 3.17
CA PRO A 278 -4.12 -18.04 2.58
C PRO A 278 -3.62 -16.93 1.62
N GLY A 279 -4.41 -16.62 0.60
CA GLY A 279 -4.07 -15.53 -0.32
C GLY A 279 -4.89 -14.28 -0.12
N ALA A 280 -5.30 -13.68 -1.24
CA ALA A 280 -6.09 -12.42 -1.25
C ALA A 280 -7.34 -12.59 -2.11
N GLY A 281 -8.34 -11.71 -1.93
CA GLY A 281 -9.63 -11.84 -2.61
C GLY A 281 -10.20 -13.25 -2.43
N ILE A 282 -10.61 -13.86 -3.56
CA ILE A 282 -11.23 -15.18 -3.62
C ILE A 282 -10.34 -16.23 -2.93
N HIS A 283 -9.04 -15.95 -2.87
CA HIS A 283 -8.08 -16.88 -2.28
C HIS A 283 -7.81 -16.62 -0.82
N GLY A 284 -8.47 -15.62 -0.27
CA GLY A 284 -8.32 -15.31 1.15
C GLY A 284 -9.60 -15.52 1.95
N GLY A 285 -9.79 -14.69 2.97
CA GLY A 285 -11.01 -14.70 3.76
C GLY A 285 -11.20 -15.87 4.72
N GLU A 286 -10.10 -16.54 5.05
CA GLU A 286 -10.09 -17.65 5.99
C GLU A 286 -9.08 -17.41 7.11
N VAL A 287 -9.36 -17.97 8.27
CA VAL A 287 -8.41 -17.93 9.39
C VAL A 287 -7.39 -19.03 9.16
N VAL A 288 -6.16 -18.64 8.79
CA VAL A 288 -5.14 -19.63 8.52
C VAL A 288 -4.51 -20.08 9.84
N ALA A 289 -4.20 -19.12 10.71
CA ALA A 289 -3.62 -19.45 12.01
C ALA A 289 -4.03 -18.40 13.02
N ALA A 290 -4.11 -18.82 14.28
CA ALA A 290 -4.47 -17.93 15.37
C ALA A 290 -3.85 -18.43 16.64
N GLY A 291 -3.23 -17.54 17.41
CA GLY A 291 -2.72 -17.86 18.75
C GLY A 291 -1.75 -16.81 19.23
N THR A 292 -0.87 -17.17 20.16
CA THR A 292 0.27 -16.30 20.47
C THR A 292 1.17 -16.17 19.22
N PRO A 293 1.91 -15.05 19.10
CA PRO A 293 2.89 -14.89 18.01
C PRO A 293 3.80 -16.12 17.88
N GLU A 294 4.20 -16.68 19.01
CA GLU A 294 5.05 -17.85 19.07
C GLU A 294 4.35 -19.07 18.46
N GLU A 295 3.06 -19.23 18.77
CA GLU A 295 2.30 -20.34 18.21
C GLU A 295 2.10 -20.17 16.70
N VAL A 296 1.90 -18.94 16.27
CA VAL A 296 1.80 -18.62 14.83
C VAL A 296 3.11 -18.91 14.10
N MET A 297 4.24 -18.58 14.71
CA MET A 297 5.56 -18.88 14.14
C MET A 297 5.82 -20.38 13.96
N ASN A 298 5.25 -21.17 14.86
CA ASN A 298 5.41 -22.63 14.82
C ASN A 298 4.37 -23.36 13.99
N ASP A 299 3.46 -22.62 13.38
CA ASP A 299 2.44 -23.19 12.51
C ASP A 299 2.93 -23.21 11.06
N PRO A 300 3.07 -24.41 10.46
CA PRO A 300 3.59 -24.56 9.09
C PRO A 300 2.67 -24.02 7.99
N ASN A 301 1.36 -23.97 8.25
CA ASN A 301 0.38 -23.39 7.31
C ASN A 301 0.50 -21.86 7.14
N SER A 302 1.14 -21.18 8.10
CA SER A 302 1.07 -19.71 8.17
C SER A 302 2.15 -18.97 7.37
N LEU A 303 1.72 -18.25 6.34
CA LEU A 303 2.65 -17.45 5.54
C LEU A 303 3.34 -16.43 6.45
N THR A 304 2.57 -15.80 7.32
CA THR A 304 3.11 -14.85 8.29
C THR A 304 4.15 -15.48 9.22
N GLY A 305 3.83 -16.65 9.79
CA GLY A 305 4.75 -17.35 10.67
C GLY A 305 6.05 -17.75 10.00
N GLN A 306 5.98 -18.06 8.71
CA GLN A 306 7.17 -18.41 7.97
C GLN A 306 8.16 -17.25 7.80
N TYR A 307 7.64 -16.04 7.60
CA TYR A 307 8.48 -14.84 7.63
C TYR A 307 8.93 -14.45 9.03
N LEU A 308 8.03 -14.52 10.01
CA LEU A 308 8.45 -14.19 11.39
C LEU A 308 9.58 -15.12 11.88
N SER A 309 9.51 -16.40 11.52
CA SER A 309 10.51 -17.39 11.97
C SER A 309 11.78 -17.42 11.12
N GLY A 310 11.75 -16.78 9.95
CA GLY A 310 12.95 -16.75 9.11
C GLY A 310 12.98 -17.77 7.99
N LYS A 311 12.01 -18.69 7.96
CA LYS A 311 11.93 -19.67 6.87
C LYS A 311 11.81 -18.94 5.53
N LYS A 312 11.15 -17.79 5.54
CA LYS A 312 11.11 -16.91 4.37
C LYS A 312 11.58 -15.53 4.77
N PHE A 313 12.20 -14.83 3.83
CA PHE A 313 12.74 -13.48 4.04
C PHE A 313 13.08 -12.90 2.69
N ILE A 314 13.18 -11.58 2.65
CA ILE A 314 13.63 -10.88 1.44
C ILE A 314 15.17 -10.83 1.53
N PRO A 315 15.87 -11.40 0.53
CA PRO A 315 17.35 -11.42 0.60
C PRO A 315 18.02 -10.03 0.46
N ILE A 316 19.23 -9.89 0.96
CA ILE A 316 20.04 -8.70 0.71
C ILE A 316 20.67 -8.93 -0.66
N PRO A 317 20.49 -7.99 -1.62
CA PRO A 317 21.05 -8.16 -2.98
C PRO A 317 22.57 -8.42 -2.96
N ALA A 318 23.04 -9.26 -3.90
CA ALA A 318 24.47 -9.59 -4.01
C ALA A 318 25.35 -8.33 -4.17
N GLU A 319 25.03 -7.52 -5.18
CA GLU A 319 25.76 -6.29 -5.47
C GLU A 319 24.79 -5.10 -5.47
N ARG A 320 25.30 -3.91 -5.16
CA ARG A 320 24.54 -2.68 -5.31
C ARG A 320 24.86 -2.11 -6.68
N ARG A 321 23.85 -1.56 -7.36
CA ARG A 321 24.10 -0.88 -8.64
C ARG A 321 24.91 0.37 -8.36
N ARG A 322 25.88 0.65 -9.21
CA ARG A 322 26.67 1.87 -9.07
C ARG A 322 26.13 2.96 -10.01
N PRO A 323 26.22 4.23 -9.58
CA PRO A 323 25.85 5.32 -10.50
C PRO A 323 26.56 5.21 -11.87
N ASP A 324 25.88 5.64 -12.92
CA ASP A 324 26.41 5.43 -14.26
C ASP A 324 26.82 6.76 -14.88
N GLY A 325 27.02 7.77 -14.03
CA GLY A 325 27.38 9.12 -14.47
C GLY A 325 26.22 10.10 -14.58
N ARG A 326 24.98 9.60 -14.48
CA ARG A 326 23.82 10.47 -14.57
C ARG A 326 23.38 10.84 -13.19
N TRP A 327 23.34 12.15 -12.91
CA TRP A 327 22.90 12.64 -11.62
C TRP A 327 21.86 13.74 -11.73
N LEU A 328 20.87 13.73 -10.85
CA LEU A 328 20.05 14.91 -10.64
C LEU A 328 20.62 15.61 -9.44
N GLU A 329 20.57 16.94 -9.42
CA GLU A 329 21.00 17.66 -8.24
C GLU A 329 19.97 18.69 -7.81
N VAL A 330 19.48 18.52 -6.60
CA VAL A 330 18.67 19.51 -5.93
C VAL A 330 19.63 20.51 -5.26
N VAL A 331 19.47 21.78 -5.60
CA VAL A 331 20.35 22.84 -5.10
C VAL A 331 19.58 23.81 -4.21
N GLY A 332 20.05 23.98 -2.97
CA GLY A 332 19.51 25.00 -2.05
C GLY A 332 18.02 24.84 -1.72
N ALA A 333 17.63 23.63 -1.33
CA ALA A 333 16.25 23.37 -0.89
C ALA A 333 15.98 23.97 0.48
N ARG A 334 14.98 24.84 0.55
CA ARG A 334 14.74 25.61 1.78
C ARG A 334 13.30 25.50 2.30
N GLU A 335 12.44 24.83 1.53
CA GLU A 335 11.04 24.66 1.90
C GLU A 335 10.88 24.02 3.28
N HIS A 336 10.00 24.60 4.08
CA HIS A 336 9.71 24.17 5.44
C HIS A 336 10.97 24.05 6.25
N ASN A 337 11.28 22.87 6.78
CA ASN A 337 12.41 22.79 7.70
C ASN A 337 13.75 22.49 7.02
N LEU A 338 13.73 22.37 5.69
CA LEU A 338 14.95 22.02 4.94
C LEU A 338 16.06 23.09 5.04
N LYS A 339 17.23 22.68 5.56
CA LYS A 339 18.28 23.63 5.93
C LYS A 339 19.17 23.95 4.76
N ASN A 340 18.60 24.56 3.72
CA ASN A 340 19.36 24.96 2.53
C ASN A 340 20.13 23.78 1.94
N VAL A 341 19.41 22.71 1.67
CA VAL A 341 19.98 21.42 1.34
C VAL A 341 20.32 21.26 -0.14
N SER A 342 21.54 20.80 -0.41
CA SER A 342 21.91 20.36 -1.74
C SER A 342 22.21 18.86 -1.70
N VAL A 343 21.68 18.11 -2.66
CA VAL A 343 21.92 16.68 -2.74
C VAL A 343 21.74 16.13 -4.16
N LYS A 344 22.63 15.20 -4.52
CA LYS A 344 22.66 14.57 -5.82
C LYS A 344 21.96 13.23 -5.79
N ILE A 345 21.21 12.92 -6.83
CA ILE A 345 20.44 11.69 -6.91
C ILE A 345 20.93 10.92 -8.13
N PRO A 346 21.41 9.68 -7.93
CA PRO A 346 21.91 8.91 -9.08
C PRO A 346 20.80 8.16 -9.82
N LEU A 347 20.71 8.44 -11.11
CA LEU A 347 19.72 7.81 -11.96
C LEU A 347 20.20 6.42 -12.38
N GLY A 348 19.26 5.56 -12.76
CA GLY A 348 19.57 4.16 -13.08
C GLY A 348 19.80 3.35 -11.80
N THR A 349 19.37 3.88 -10.66
CA THR A 349 19.49 3.15 -9.40
C THR A 349 18.15 3.14 -8.66
N PHE A 350 18.06 2.26 -7.67
CA PHE A 350 16.93 2.24 -6.75
C PHE A 350 17.35 3.07 -5.55
N VAL A 351 16.70 4.22 -5.38
CA VAL A 351 17.02 5.17 -4.32
C VAL A 351 15.97 5.19 -3.24
N ALA A 352 16.41 5.15 -1.98
CA ALA A 352 15.47 5.28 -0.86
C ALA A 352 15.78 6.56 -0.11
N VAL A 353 14.77 7.40 0.06
CA VAL A 353 14.90 8.58 0.92
C VAL A 353 14.32 8.20 2.26
N THR A 354 15.13 8.36 3.30
CA THR A 354 14.78 7.85 4.62
C THR A 354 14.96 8.97 5.63
N GLY A 355 14.57 8.67 6.87
CA GLY A 355 14.64 9.62 7.99
C GLY A 355 13.42 9.52 8.88
N VAL A 356 13.53 10.01 10.11
CA VAL A 356 12.44 9.95 11.05
C VAL A 356 11.28 10.84 10.55
N SER A 357 10.10 10.64 11.14
CA SER A 357 8.95 11.51 10.86
C SER A 357 9.30 12.97 11.08
N GLY A 358 8.95 13.80 10.09
CA GLY A 358 9.19 15.24 10.15
C GLY A 358 10.61 15.67 9.81
N SER A 359 11.43 14.74 9.30
CA SER A 359 12.83 15.01 8.99
C SER A 359 13.00 15.84 7.70
N GLY A 360 11.95 15.88 6.87
CA GLY A 360 11.96 16.63 5.62
C GLY A 360 11.87 15.79 4.35
N LYS A 361 11.59 14.49 4.50
CA LYS A 361 11.51 13.53 3.38
C LYS A 361 10.49 13.92 2.32
N SER A 362 9.25 14.10 2.76
CA SER A 362 8.18 14.41 1.82
C SER A 362 8.34 15.83 1.29
N THR A 363 8.77 16.76 2.13
CA THR A 363 9.07 18.10 1.65
C THR A 363 10.09 18.04 0.51
N LEU A 364 11.25 17.41 0.75
CA LEU A 364 12.30 17.33 -0.27
C LEU A 364 11.84 16.64 -1.54
N VAL A 365 11.13 15.52 -1.39
CA VAL A 365 10.78 14.68 -2.52
C VAL A 365 9.48 15.10 -3.23
N ASN A 366 8.43 15.35 -2.46
CA ASN A 366 7.14 15.74 -3.04
C ASN A 366 7.06 17.23 -3.36
N GLU A 367 7.44 18.07 -2.39
CA GLU A 367 7.20 19.50 -2.53
C GLU A 367 8.23 20.16 -3.42
N VAL A 368 9.48 19.70 -3.30
CA VAL A 368 10.57 20.30 -4.09
C VAL A 368 10.83 19.50 -5.39
N LEU A 369 11.37 18.29 -5.25
CA LEU A 369 11.77 17.49 -6.42
C LEU A 369 10.65 17.19 -7.40
N TYR A 370 9.59 16.53 -6.94
CA TYR A 370 8.50 16.18 -7.84
C TYR A 370 7.90 17.43 -8.52
N LYS A 371 7.54 18.44 -7.73
CA LYS A 371 6.88 19.64 -8.29
C LYS A 371 7.76 20.40 -9.26
N ALA A 372 9.06 20.53 -8.91
CA ALA A 372 10.01 21.19 -9.80
C ALA A 372 10.17 20.44 -11.09
N LEU A 373 10.29 19.11 -11.01
CA LEU A 373 10.46 18.31 -12.21
C LEU A 373 9.19 18.30 -13.06
N ALA A 374 8.03 18.12 -12.42
CA ALA A 374 6.76 18.12 -13.15
C ALA A 374 6.52 19.46 -13.89
N GLN A 375 6.94 20.56 -13.26
CA GLN A 375 6.81 21.89 -13.89
C GLN A 375 7.75 22.06 -15.09
N LYS A 376 8.99 21.61 -14.95
CA LYS A 376 9.97 21.71 -16.03
C LYS A 376 9.70 20.71 -17.17
N LEU A 377 9.34 19.47 -16.82
CA LEU A 377 9.10 18.40 -17.80
C LEU A 377 7.69 18.31 -18.40
N HIS A 378 6.66 18.62 -17.62
CA HIS A 378 5.27 18.42 -18.06
C HIS A 378 4.42 19.67 -17.99
N ARG A 379 5.07 20.81 -17.72
CA ARG A 379 4.38 22.09 -17.56
C ARG A 379 3.25 22.02 -16.53
N ALA A 380 3.45 21.24 -15.46
CA ALA A 380 2.46 21.16 -14.38
C ALA A 380 2.33 22.50 -13.68
N LYS A 381 1.16 22.76 -13.12
CA LYS A 381 0.83 24.09 -12.59
C LYS A 381 1.39 24.33 -11.19
N ALA A 382 1.49 23.27 -10.39
CA ALA A 382 1.78 23.41 -8.95
C ALA A 382 3.13 24.07 -8.67
N LYS A 383 3.10 25.06 -7.78
CA LYS A 383 4.29 25.81 -7.45
C LYS A 383 5.19 24.97 -6.56
N PRO A 384 6.45 24.78 -6.98
CA PRO A 384 7.35 23.92 -6.19
C PRO A 384 7.78 24.61 -4.91
N GLY A 385 8.24 23.83 -3.94
CA GLY A 385 8.81 24.38 -2.72
C GLY A 385 10.09 25.16 -2.98
N GLU A 386 10.44 26.05 -2.05
CA GLU A 386 11.59 26.91 -2.20
C GLU A 386 12.91 26.14 -2.40
N HIS A 387 13.58 26.43 -3.51
CA HIS A 387 14.90 25.86 -3.83
C HIS A 387 15.59 26.74 -4.84
N ARG A 388 16.91 26.64 -4.93
CA ARG A 388 17.68 27.46 -5.86
C ARG A 388 17.62 26.91 -7.28
N ASP A 389 17.72 25.58 -7.43
CA ASP A 389 17.83 24.97 -8.77
C ASP A 389 17.73 23.44 -8.76
N ILE A 390 17.49 22.86 -9.92
CA ILE A 390 17.59 21.41 -10.13
C ILE A 390 18.44 21.16 -11.38
N ARG A 391 19.57 20.48 -11.23
CA ARG A 391 20.47 20.19 -12.35
C ARG A 391 20.27 18.76 -12.85
N GLY A 392 20.63 18.48 -14.09
CA GLY A 392 20.53 17.13 -14.62
C GLY A 392 19.24 16.82 -15.35
N LEU A 393 18.43 17.84 -15.62
CA LEU A 393 17.15 17.66 -16.34
C LEU A 393 17.28 17.15 -17.76
N GLU A 394 18.47 17.34 -18.35
CA GLU A 394 18.79 16.79 -19.67
C GLU A 394 18.71 15.26 -19.68
N HIS A 395 18.80 14.65 -18.50
CA HIS A 395 18.74 13.18 -18.38
C HIS A 395 17.35 12.60 -18.39
N LEU A 396 16.32 13.42 -18.22
CA LEU A 396 14.95 12.90 -18.08
C LEU A 396 14.00 13.37 -19.18
N ASP A 397 13.06 12.51 -19.52
CA ASP A 397 11.88 12.90 -20.29
C ASP A 397 10.64 13.01 -19.40
N LYS A 398 10.58 12.22 -18.33
CA LYS A 398 9.38 12.24 -17.48
C LYS A 398 9.58 11.93 -16.01
N VAL A 399 8.68 12.53 -15.20
CA VAL A 399 8.59 12.21 -13.80
C VAL A 399 7.17 11.72 -13.51
N ILE A 400 7.06 10.59 -12.83
CA ILE A 400 5.76 9.97 -12.60
C ILE A 400 5.69 9.58 -11.15
N ASP A 401 4.71 10.12 -10.45
CA ASP A 401 4.44 9.70 -9.08
C ASP A 401 3.42 8.57 -9.14
N ILE A 402 3.73 7.44 -8.52
CA ILE A 402 2.79 6.33 -8.45
C ILE A 402 2.25 6.27 -7.05
N ASP A 403 0.96 6.54 -6.89
CA ASP A 403 0.37 6.58 -5.57
C ASP A 403 -0.84 5.65 -5.52
N GLN A 404 -1.58 5.73 -4.41
CA GLN A 404 -2.70 4.84 -4.12
C GLN A 404 -4.06 5.48 -4.49
N SER A 405 -4.05 6.57 -5.26
CA SER A 405 -5.27 7.14 -5.80
C SER A 405 -5.88 6.22 -6.88
N PRO A 406 -7.19 6.37 -7.19
CA PRO A 406 -7.86 5.45 -8.11
C PRO A 406 -7.29 5.45 -9.53
N ILE A 407 -7.38 4.31 -10.22
CA ILE A 407 -7.01 4.22 -11.64
C ILE A 407 -8.02 4.84 -12.60
N GLY A 408 -9.27 5.01 -12.14
CA GLY A 408 -10.33 5.63 -12.94
C GLY A 408 -11.52 5.98 -12.06
N ARG A 409 -12.49 6.70 -12.64
CA ARG A 409 -13.63 7.21 -11.85
C ARG A 409 -14.96 6.51 -12.15
N THR A 410 -14.96 5.58 -13.11
CA THR A 410 -16.19 4.89 -13.48
C THR A 410 -15.99 3.38 -13.44
N PRO A 411 -17.10 2.60 -13.42
CA PRO A 411 -17.05 1.15 -13.55
C PRO A 411 -16.54 0.68 -14.92
N ARG A 412 -16.53 1.57 -15.92
CA ARG A 412 -16.03 1.19 -17.24
C ARG A 412 -14.50 1.22 -17.27
N SER A 413 -13.91 1.62 -16.16
CA SER A 413 -12.46 1.53 -15.99
C SER A 413 -12.16 0.31 -15.10
N ASN A 414 -11.18 -0.47 -15.51
CA ASN A 414 -10.81 -1.65 -14.76
C ASN A 414 -9.35 -2.05 -15.05
N PRO A 415 -8.82 -3.07 -14.37
CA PRO A 415 -7.42 -3.40 -14.63
C PRO A 415 -7.13 -3.77 -16.10
N ALA A 416 -8.09 -4.39 -16.78
CA ALA A 416 -7.91 -4.72 -18.19
C ALA A 416 -7.88 -3.46 -19.08
N THR A 417 -8.73 -2.48 -18.81
CA THR A 417 -8.69 -1.25 -19.62
C THR A 417 -7.44 -0.43 -19.30
N TYR A 418 -7.06 -0.36 -18.02
CA TYR A 418 -5.90 0.47 -17.64
C TYR A 418 -4.61 -0.01 -18.27
N THR A 419 -4.38 -1.32 -18.27
CA THR A 419 -3.17 -1.90 -18.84
C THR A 419 -3.25 -2.01 -20.37
N GLY A 420 -4.44 -1.83 -20.93
CA GLY A 420 -4.62 -2.05 -22.36
C GLY A 420 -4.77 -3.50 -22.77
N VAL A 421 -4.78 -4.44 -21.82
CA VAL A 421 -5.03 -5.83 -22.20
C VAL A 421 -6.49 -5.98 -22.75
N PHE A 422 -7.39 -5.12 -22.30
CA PHE A 422 -8.75 -5.07 -22.82
C PHE A 422 -8.80 -4.97 -24.35
N ASP A 423 -8.01 -4.07 -24.92
CA ASP A 423 -8.02 -3.87 -26.37
C ASP A 423 -7.52 -5.07 -27.15
N ASP A 424 -6.51 -5.75 -26.60
CA ASP A 424 -6.03 -7.03 -27.11
C ASP A 424 -7.08 -8.13 -27.06
N ILE A 425 -7.87 -8.15 -25.98
CA ILE A 425 -8.99 -9.11 -25.85
C ILE A 425 -10.06 -8.84 -26.93
N ARG A 426 -10.43 -7.57 -27.11
CA ARG A 426 -11.41 -7.21 -28.14
C ARG A 426 -10.95 -7.66 -29.54
N ASP A 427 -9.64 -7.58 -29.79
CA ASP A 427 -9.05 -8.03 -31.05
C ASP A 427 -9.25 -9.53 -31.21
N VAL A 428 -9.05 -10.28 -30.13
CA VAL A 428 -9.24 -11.72 -30.17
C VAL A 428 -10.71 -12.08 -30.52
N PHE A 429 -11.67 -11.43 -29.86
CA PHE A 429 -13.07 -11.67 -30.17
C PHE A 429 -13.41 -11.28 -31.62
N ALA A 430 -12.95 -10.12 -32.06
CA ALA A 430 -13.15 -9.67 -33.44
C ALA A 430 -12.58 -10.66 -34.46
N SER A 431 -11.56 -11.42 -34.07
CA SER A 431 -10.96 -12.42 -34.97
C SER A 431 -11.66 -13.80 -34.97
N THR A 432 -12.66 -14.02 -34.12
CA THR A 432 -13.37 -15.31 -34.13
C THR A 432 -14.21 -15.46 -35.41
N ASN A 433 -14.42 -16.71 -35.84
CA ASN A 433 -15.25 -17.02 -37.01
C ASN A 433 -16.63 -16.38 -36.94
N GLU A 434 -17.26 -16.51 -35.78
CA GLU A 434 -18.62 -16.01 -35.58
C GLU A 434 -18.70 -14.47 -35.62
N ALA A 435 -17.70 -13.77 -35.07
CA ALA A 435 -17.63 -12.31 -35.22
C ALA A 435 -17.54 -11.91 -36.69
N LYS A 436 -16.67 -12.60 -37.44
CA LYS A 436 -16.50 -12.37 -38.88
C LYS A 436 -17.79 -12.59 -39.68
N VAL A 437 -18.39 -13.77 -39.51
CA VAL A 437 -19.70 -14.09 -40.11
C VAL A 437 -20.74 -12.99 -39.83
N ARG A 438 -20.77 -12.49 -38.60
CA ARG A 438 -21.74 -11.48 -38.21
C ARG A 438 -21.29 -10.05 -38.56
N GLY A 439 -20.02 -9.90 -38.94
CA GLY A 439 -19.44 -8.58 -39.20
C GLY A 439 -19.13 -7.75 -37.95
N TYR A 440 -18.94 -8.38 -36.81
CA TYR A 440 -18.56 -7.64 -35.61
C TYR A 440 -17.08 -7.26 -35.67
N LYS A 441 -16.80 -5.95 -35.63
CA LYS A 441 -15.42 -5.46 -35.53
C LYS A 441 -15.06 -5.32 -34.05
N LYS A 442 -13.81 -4.94 -33.78
CA LYS A 442 -13.32 -4.76 -32.40
C LYS A 442 -14.22 -3.83 -31.59
N GLY A 443 -14.75 -2.79 -32.25
CA GLY A 443 -15.62 -1.81 -31.63
C GLY A 443 -16.89 -2.40 -31.02
N ARG A 444 -17.35 -3.52 -31.57
CA ARG A 444 -18.54 -4.22 -31.06
C ARG A 444 -18.29 -4.77 -29.65
N PHE A 445 -17.03 -5.11 -29.36
CA PHE A 445 -16.68 -5.73 -28.10
C PHE A 445 -16.24 -4.72 -27.05
N SER A 446 -16.39 -3.44 -27.37
CA SER A 446 -16.16 -2.37 -26.40
C SER A 446 -17.46 -1.91 -25.73
N PHE A 447 -17.50 -1.99 -24.39
CA PHE A 447 -18.66 -1.48 -23.64
C PHE A 447 -18.75 0.06 -23.55
N ASN A 448 -17.80 0.75 -24.17
CA ASN A 448 -17.75 2.22 -24.21
C ASN A 448 -18.39 2.83 -25.45
N VAL A 449 -18.84 1.99 -26.38
CA VAL A 449 -19.45 2.52 -27.61
C VAL A 449 -20.75 1.79 -27.94
N LYS A 450 -21.64 2.50 -28.63
CA LYS A 450 -22.94 1.98 -29.04
C LYS A 450 -22.81 0.86 -30.07
N GLY A 451 -23.65 -0.17 -29.95
CA GLY A 451 -23.66 -1.30 -30.88
C GLY A 451 -23.64 -2.63 -30.14
N GLY A 452 -22.53 -2.89 -29.46
CA GLY A 452 -22.35 -4.13 -28.71
C GLY A 452 -22.64 -4.04 -27.23
N ARG A 453 -22.51 -2.85 -26.66
CA ARG A 453 -22.73 -2.65 -25.22
C ARG A 453 -24.19 -2.78 -24.86
N CYS A 454 -24.48 -2.97 -23.57
CA CYS A 454 -25.86 -2.89 -23.09
C CYS A 454 -26.29 -1.44 -23.08
N GLU A 455 -27.31 -1.13 -23.87
CA GLU A 455 -27.74 0.24 -24.05
C GLU A 455 -28.55 0.79 -22.87
N ALA A 456 -29.09 -0.10 -22.03
CA ALA A 456 -29.88 0.31 -20.88
C ALA A 456 -29.03 0.96 -19.80
N CYS A 457 -27.79 0.48 -19.64
CA CYS A 457 -26.87 1.00 -18.63
C CYS A 457 -25.66 1.70 -19.26
N HIS A 458 -25.74 1.96 -20.58
CA HIS A 458 -24.62 2.49 -21.40
C HIS A 458 -23.29 1.78 -21.21
N GLY A 459 -23.37 0.48 -20.94
CA GLY A 459 -22.20 -0.36 -20.77
C GLY A 459 -21.58 -0.37 -19.38
N ASP A 460 -22.23 0.27 -18.40
CA ASP A 460 -21.71 0.32 -17.02
C ASP A 460 -21.86 -1.01 -16.27
N GLY A 461 -22.93 -1.74 -16.58
CA GLY A 461 -23.29 -2.93 -15.84
C GLY A 461 -24.15 -2.61 -14.62
N ILE A 462 -24.11 -1.34 -14.21
CA ILE A 462 -24.85 -0.84 -13.05
C ILE A 462 -25.43 0.53 -13.33
N VAL A 475 -26.86 -1.07 -7.82
CA VAL A 475 -27.77 -2.07 -8.36
C VAL A 475 -27.27 -2.56 -9.72
N PRO A 476 -27.18 -3.89 -9.92
CA PRO A 476 -26.85 -4.43 -11.25
C PRO A 476 -27.96 -4.15 -12.25
N CYS A 477 -27.61 -3.68 -13.44
CA CYS A 477 -28.61 -3.42 -14.51
C CYS A 477 -29.55 -4.61 -14.69
N GLU A 478 -30.85 -4.33 -14.72
CA GLU A 478 -31.87 -5.38 -14.83
C GLU A 478 -31.84 -6.07 -16.20
N VAL A 479 -31.19 -5.43 -17.17
CA VAL A 479 -31.19 -5.92 -18.55
C VAL A 479 -30.01 -6.85 -18.79
N CYS A 480 -28.79 -6.32 -18.66
CA CYS A 480 -27.59 -7.13 -18.90
C CYS A 480 -27.13 -7.88 -17.67
N HIS A 481 -27.77 -7.65 -16.52
CA HIS A 481 -27.34 -8.24 -15.24
C HIS A 481 -25.88 -7.99 -14.95
N GLY A 482 -25.38 -6.81 -15.32
CA GLY A 482 -24.01 -6.46 -15.00
C GLY A 482 -22.97 -6.90 -16.03
N LYS A 483 -23.38 -7.71 -17.00
CA LYS A 483 -22.46 -8.23 -18.04
C LYS A 483 -21.95 -7.14 -18.99
N ARG A 484 -22.66 -6.00 -19.02
CA ARG A 484 -22.28 -4.78 -19.77
C ARG A 484 -22.57 -4.81 -21.27
N TYR A 485 -22.83 -5.99 -21.83
CA TYR A 485 -23.05 -6.12 -23.29
C TYR A 485 -24.44 -6.67 -23.56
N ASN A 486 -24.98 -6.38 -24.75
CA ASN A 486 -26.27 -6.93 -25.13
C ASN A 486 -26.14 -8.42 -25.49
N ARG A 487 -27.29 -9.08 -25.60
CA ARG A 487 -27.38 -10.51 -25.76
C ARG A 487 -26.61 -11.01 -26.99
N GLU A 488 -26.79 -10.35 -28.13
CA GLU A 488 -26.18 -10.84 -29.36
C GLU A 488 -24.65 -10.84 -29.36
N THR A 489 -24.05 -9.77 -28.80
CA THR A 489 -22.61 -9.71 -28.61
C THR A 489 -22.10 -10.90 -27.76
N LEU A 490 -22.82 -11.18 -26.69
CA LEU A 490 -22.47 -12.27 -25.75
C LEU A 490 -22.59 -13.67 -26.34
N GLU A 491 -23.19 -13.80 -27.53
CA GLU A 491 -23.24 -15.09 -28.19
C GLU A 491 -21.91 -15.44 -28.88
N VAL A 492 -21.05 -14.45 -29.08
CA VAL A 492 -19.74 -14.68 -29.69
C VAL A 492 -18.77 -15.19 -28.63
N THR A 493 -18.19 -16.37 -28.86
CA THR A 493 -17.31 -16.94 -27.85
C THR A 493 -15.90 -17.18 -28.40
N TYR A 494 -14.93 -17.10 -27.51
CA TYR A 494 -13.58 -17.58 -27.81
C TYR A 494 -13.28 -18.71 -26.82
N LYS A 495 -12.92 -19.88 -27.33
CA LYS A 495 -12.68 -21.06 -26.47
C LYS A 495 -13.84 -21.28 -25.50
N GLY A 496 -15.06 -21.13 -26.01
CA GLY A 496 -16.26 -21.38 -25.25
C GLY A 496 -16.64 -20.27 -24.27
N LYS A 497 -15.90 -19.17 -24.23
CA LYS A 497 -16.22 -18.08 -23.29
C LYS A 497 -16.60 -16.80 -24.03
N ASN A 498 -17.59 -16.09 -23.50
CA ASN A 498 -17.93 -14.80 -24.09
C ASN A 498 -17.13 -13.68 -23.43
N ILE A 499 -17.30 -12.44 -23.89
CA ILE A 499 -16.42 -11.36 -23.43
C ILE A 499 -16.65 -10.97 -21.96
N ALA A 500 -17.91 -11.05 -21.51
CA ALA A 500 -18.24 -10.85 -20.11
C ALA A 500 -17.66 -11.96 -19.22
N GLU A 501 -17.66 -13.21 -19.71
CA GLU A 501 -17.03 -14.28 -18.96
C GLU A 501 -15.50 -14.07 -18.85
N VAL A 502 -14.88 -13.59 -19.92
CA VAL A 502 -13.46 -13.27 -19.88
C VAL A 502 -13.17 -12.20 -18.81
N LEU A 503 -13.94 -11.11 -18.82
CA LEU A 503 -13.76 -10.03 -17.86
C LEU A 503 -14.03 -10.50 -16.43
N ASP A 504 -14.81 -11.56 -16.30
CA ASP A 504 -15.07 -12.15 -14.98
C ASP A 504 -13.96 -13.10 -14.53
N MET A 505 -12.95 -13.33 -15.37
CA MET A 505 -11.82 -14.23 -14.98
C MET A 505 -10.80 -13.52 -14.09
N THR A 506 -10.24 -14.24 -13.12
CA THR A 506 -9.08 -13.73 -12.41
C THR A 506 -7.89 -13.66 -13.37
N VAL A 507 -6.94 -12.79 -13.05
CA VAL A 507 -5.71 -12.62 -13.81
C VAL A 507 -5.00 -13.98 -14.00
N GLU A 508 -4.94 -14.78 -12.94
CA GLU A 508 -4.26 -16.07 -12.98
C GLU A 508 -4.99 -17.06 -13.90
N ASP A 509 -6.33 -17.11 -13.83
CA ASP A 509 -7.10 -17.98 -14.73
C ASP A 509 -7.02 -17.47 -16.17
N ALA A 510 -7.11 -16.16 -16.36
CA ALA A 510 -6.96 -15.58 -17.70
C ALA A 510 -5.57 -15.90 -18.32
N LEU A 511 -4.54 -15.92 -17.48
CA LEU A 511 -3.19 -16.32 -17.89
C LEU A 511 -3.16 -17.69 -18.55
N ASP A 512 -3.85 -18.67 -17.96
CA ASP A 512 -3.99 -20.02 -18.53
C ASP A 512 -4.86 -19.99 -19.77
N PHE A 513 -5.97 -19.28 -19.68
CA PHE A 513 -6.96 -19.23 -20.75
C PHE A 513 -6.36 -18.66 -22.04
N PHE A 514 -5.56 -17.61 -21.90
CA PHE A 514 -4.90 -16.93 -23.03
C PHE A 514 -3.46 -17.40 -23.27
N ALA A 515 -3.16 -18.64 -22.88
CA ALA A 515 -1.81 -19.17 -23.01
C ALA A 515 -1.29 -19.14 -24.45
N SER A 516 -2.18 -19.16 -25.44
CA SER A 516 -1.71 -19.19 -26.82
C SER A 516 -1.71 -17.82 -27.48
N ILE A 517 -1.87 -16.75 -26.70
CA ILE A 517 -1.80 -15.39 -27.23
C ILE A 517 -0.73 -14.59 -26.49
N PRO A 518 0.51 -14.61 -27.03
CA PRO A 518 1.66 -14.00 -26.36
C PRO A 518 1.42 -12.55 -25.91
N LYS A 519 0.82 -11.71 -26.78
CA LYS A 519 0.62 -10.28 -26.46
C LYS A 519 -0.18 -10.12 -25.18
N ILE A 520 -1.21 -10.95 -25.04
CA ILE A 520 -2.10 -10.89 -23.89
C ILE A 520 -1.38 -11.44 -22.68
N LYS A 521 -0.70 -12.58 -22.85
CA LYS A 521 0.12 -13.20 -21.81
C LYS A 521 1.10 -12.22 -21.19
N ARG A 522 1.75 -11.43 -22.03
CA ARG A 522 2.77 -10.50 -21.51
C ARG A 522 2.18 -9.44 -20.60
N LYS A 523 1.02 -8.91 -20.98
CA LYS A 523 0.34 -7.94 -20.13
C LYS A 523 -0.16 -8.59 -18.84
N LEU A 524 -0.74 -9.77 -18.97
CA LEU A 524 -1.29 -10.46 -17.80
C LEU A 524 -0.20 -10.86 -16.80
N GLU A 525 0.98 -11.20 -17.32
CA GLU A 525 2.16 -11.46 -16.48
C GLU A 525 2.55 -10.29 -15.58
N THR A 526 2.51 -9.06 -16.11
CA THR A 526 2.81 -7.88 -15.28
C THR A 526 1.84 -7.78 -14.07
N LEU A 527 0.55 -8.03 -14.29
CA LEU A 527 -0.41 -8.00 -13.20
C LEU A 527 -0.23 -9.12 -12.20
N TYR A 528 0.00 -10.33 -12.72
CA TYR A 528 0.40 -11.45 -11.90
C TYR A 528 1.67 -11.12 -11.06
N ASP A 529 2.70 -10.59 -11.69
CA ASP A 529 3.97 -10.28 -10.99
C ASP A 529 3.87 -9.21 -9.89
N VAL A 530 2.96 -8.24 -10.05
CA VAL A 530 2.73 -7.24 -9.01
C VAL A 530 1.90 -7.78 -7.83
N GLY A 531 1.35 -8.98 -7.96
CA GLY A 531 0.62 -9.61 -6.87
C GLY A 531 -0.89 -9.59 -7.08
N LEU A 532 -1.36 -9.34 -8.30
CA LEU A 532 -2.79 -9.28 -8.56
C LEU A 532 -3.33 -10.48 -9.36
N GLY A 533 -2.70 -11.66 -9.19
CA GLY A 533 -3.21 -12.90 -9.79
C GLY A 533 -4.65 -13.23 -9.40
N TYR A 534 -5.03 -12.86 -8.18
CA TYR A 534 -6.39 -13.09 -7.69
C TYR A 534 -7.48 -12.19 -8.29
N MET A 535 -7.09 -11.09 -8.94
CA MET A 535 -8.06 -10.05 -9.29
C MET A 535 -8.78 -10.34 -10.62
N LYS A 536 -10.06 -10.03 -10.67
CA LYS A 536 -10.80 -10.14 -11.91
C LYS A 536 -10.41 -9.02 -12.85
N LEU A 537 -10.27 -9.38 -14.13
CA LEU A 537 -9.91 -8.46 -15.19
C LEU A 537 -10.84 -7.26 -15.25
N GLY A 538 -12.13 -7.53 -15.05
CA GLY A 538 -13.14 -6.49 -15.17
C GLY A 538 -13.49 -5.77 -13.88
N GLN A 539 -12.74 -6.02 -12.81
CA GLN A 539 -13.09 -5.42 -11.51
C GLN A 539 -13.15 -3.89 -11.64
N PRO A 540 -14.30 -3.27 -11.31
CA PRO A 540 -14.44 -1.82 -11.52
C PRO A 540 -13.50 -0.97 -10.68
N ALA A 541 -12.91 0.05 -11.31
CA ALA A 541 -11.95 0.96 -10.65
C ALA A 541 -12.49 1.55 -9.36
N THR A 542 -13.81 1.73 -9.33
CA THR A 542 -14.51 2.30 -8.21
C THR A 542 -14.48 1.40 -6.96
N THR A 543 -14.02 0.16 -7.11
CA THR A 543 -14.06 -0.81 -6.01
C THR A 543 -12.69 -1.33 -5.58
N LEU A 544 -11.64 -0.83 -6.25
CA LEU A 544 -10.27 -1.23 -5.96
C LEU A 544 -9.80 -0.51 -4.70
N SER A 545 -9.07 -1.21 -3.85
CA SER A 545 -8.42 -0.59 -2.71
C SER A 545 -7.25 0.24 -3.24
N GLY A 546 -6.70 1.09 -2.36
CA GLY A 546 -5.55 1.93 -2.67
C GLY A 546 -4.35 1.16 -3.19
N GLY A 547 -4.01 0.08 -2.49
CA GLY A 547 -2.90 -0.80 -2.84
C GLY A 547 -3.07 -1.50 -4.17
N GLU A 548 -4.28 -2.00 -4.42
CA GLU A 548 -4.64 -2.57 -5.70
C GLU A 548 -4.44 -1.59 -6.85
N ALA A 549 -4.89 -0.34 -6.66
CA ALA A 549 -4.76 0.67 -7.70
C ALA A 549 -3.28 1.00 -8.01
N GLN A 550 -2.47 1.15 -6.98
CA GLN A 550 -1.03 1.37 -7.15
C GLN A 550 -0.37 0.19 -7.91
N ARG A 551 -0.78 -1.02 -7.58
CA ARG A 551 -0.24 -2.21 -8.23
C ARG A 551 -0.64 -2.31 -9.69
N VAL A 552 -1.90 -1.99 -10.02
CA VAL A 552 -2.33 -1.91 -11.44
C VAL A 552 -1.46 -0.92 -12.20
N LYS A 553 -1.20 0.24 -11.59
CA LYS A 553 -0.39 1.25 -12.26
C LYS A 553 1.05 0.74 -12.48
N LEU A 554 1.59 0.07 -11.48
CA LEU A 554 2.93 -0.48 -11.60
C LEU A 554 3.01 -1.52 -12.71
N ALA A 555 1.97 -2.35 -12.82
CA ALA A 555 1.93 -3.36 -13.88
C ALA A 555 2.00 -2.70 -15.27
N ALA A 556 1.26 -1.59 -15.44
CA ALA A 556 1.27 -0.91 -16.74
C ALA A 556 2.63 -0.30 -17.02
N GLU A 557 3.30 0.21 -15.97
CA GLU A 557 4.64 0.77 -16.14
C GLU A 557 5.66 -0.30 -16.54
N LEU A 558 5.59 -1.45 -15.88
CA LEU A 558 6.47 -2.58 -16.17
C LEU A 558 6.39 -3.01 -17.63
N HIS A 559 5.21 -2.89 -18.23
CA HIS A 559 5.02 -3.27 -19.61
C HIS A 559 5.53 -2.27 -20.60
N ARG A 560 5.52 -1.00 -20.21
CA ARG A 560 5.90 0.09 -21.09
C ARG A 560 7.34 -0.01 -21.57
N ARG A 561 7.54 0.16 -22.88
CA ARG A 561 8.89 0.31 -23.47
C ARG A 561 9.61 1.47 -22.78
N SER A 562 10.86 1.25 -22.43
CA SER A 562 11.60 2.24 -21.67
C SER A 562 12.78 2.75 -22.47
N ASN A 563 13.12 4.02 -22.25
CA ASN A 563 14.32 4.63 -22.82
C ASN A 563 15.30 4.99 -21.71
N GLY A 564 14.96 4.60 -20.49
CA GLY A 564 15.78 4.88 -19.33
C GLY A 564 15.67 6.31 -18.82
N ARG A 565 14.72 7.08 -19.39
CA ARG A 565 14.62 8.51 -19.09
C ARG A 565 13.41 8.91 -18.23
N THR A 566 12.89 7.95 -17.48
CA THR A 566 11.82 8.20 -16.53
C THR A 566 12.33 8.10 -15.12
N LEU A 567 11.90 9.02 -14.28
CA LEU A 567 12.06 8.91 -12.82
C LEU A 567 10.71 8.57 -12.19
N TYR A 568 10.65 7.43 -11.48
CA TYR A 568 9.48 7.01 -10.74
C TYR A 568 9.62 7.40 -9.29
N ILE A 569 8.59 8.05 -8.74
CA ILE A 569 8.56 8.42 -7.33
C ILE A 569 7.39 7.72 -6.65
N LEU A 570 7.64 7.12 -5.49
CA LEU A 570 6.58 6.47 -4.72
C LEU A 570 6.73 6.87 -3.27
N ASP A 571 5.67 7.44 -2.71
CA ASP A 571 5.68 7.87 -1.33
C ASP A 571 5.12 6.74 -0.44
N GLU A 572 6.00 6.09 0.31
CA GLU A 572 5.60 4.95 1.17
C GLU A 572 4.74 3.84 0.51
N PRO A 573 5.29 3.21 -0.55
CA PRO A 573 4.45 2.23 -1.29
C PRO A 573 4.16 0.94 -0.50
N THR A 574 4.82 0.72 0.64
CA THR A 574 4.58 -0.49 1.42
C THR A 574 3.36 -0.36 2.29
N THR A 575 2.74 0.82 2.30
CA THR A 575 1.48 1.03 2.99
C THR A 575 0.45 0.01 2.55
N GLY A 576 -0.08 -0.75 3.50
CA GLY A 576 -1.06 -1.77 3.20
C GLY A 576 -0.48 -3.13 2.85
N LEU A 577 0.84 -3.28 2.84
CA LEU A 577 1.45 -4.51 2.29
C LEU A 577 2.09 -5.41 3.35
N HIS A 578 1.78 -6.70 3.27
CA HIS A 578 2.45 -7.79 3.99
C HIS A 578 3.86 -7.89 3.46
N VAL A 579 4.79 -8.36 4.26
CA VAL A 579 6.18 -8.56 3.78
C VAL A 579 6.26 -9.42 2.50
N ASP A 580 5.34 -10.34 2.32
CA ASP A 580 5.31 -11.16 1.11
C ASP A 580 4.85 -10.32 -0.10
N ASP A 581 3.93 -9.38 0.13
CA ASP A 581 3.55 -8.41 -0.90
C ASP A 581 4.74 -7.52 -1.25
N ILE A 582 5.51 -7.16 -0.23
CA ILE A 582 6.66 -6.31 -0.41
C ILE A 582 7.70 -6.96 -1.30
N ALA A 583 7.94 -8.26 -1.15
CA ALA A 583 8.86 -9.00 -2.02
C ALA A 583 8.47 -8.85 -3.49
N ARG A 584 7.17 -8.98 -3.79
CA ARG A 584 6.69 -8.78 -5.17
C ARG A 584 6.87 -7.34 -5.65
N LEU A 585 6.53 -6.38 -4.78
CA LEU A 585 6.68 -4.97 -5.09
C LEU A 585 8.15 -4.66 -5.44
N LEU A 586 9.06 -5.10 -4.58
CA LEU A 586 10.49 -4.92 -4.84
C LEU A 586 10.96 -5.58 -6.14
N ASP A 587 10.42 -6.76 -6.46
CA ASP A 587 10.81 -7.45 -7.70
C ASP A 587 10.46 -6.54 -8.89
N VAL A 588 9.26 -5.99 -8.85
CA VAL A 588 8.77 -5.13 -9.92
C VAL A 588 9.55 -3.83 -9.99
N LEU A 589 9.78 -3.18 -8.85
CA LEU A 589 10.47 -1.89 -8.86
C LEU A 589 11.91 -2.02 -9.34
N HIS A 590 12.60 -3.05 -8.86
CA HIS A 590 13.94 -3.34 -9.35
C HIS A 590 13.96 -3.69 -10.82
N ARG A 591 12.91 -4.29 -11.35
CA ARG A 591 12.87 -4.52 -12.82
C ARG A 591 12.78 -3.20 -13.62
N LEU A 592 12.09 -2.20 -13.09
CA LEU A 592 12.08 -0.88 -13.75
C LEU A 592 13.49 -0.27 -13.84
N VAL A 593 14.23 -0.38 -12.73
CA VAL A 593 15.58 0.14 -12.63
C VAL A 593 16.51 -0.58 -13.60
N ASP A 594 16.28 -1.89 -13.80
CA ASP A 594 17.06 -2.64 -14.78
C ASP A 594 16.96 -2.07 -16.21
N ASN A 595 15.85 -1.38 -16.53
CA ASN A 595 15.72 -0.70 -17.83
C ASN A 595 16.54 0.58 -17.92
N GLY A 596 17.11 0.97 -16.79
CA GLY A 596 17.92 2.18 -16.74
C GLY A 596 17.11 3.37 -16.26
N ASP A 597 15.81 3.15 -16.02
CA ASP A 597 14.99 4.15 -15.34
C ASP A 597 15.38 4.20 -13.87
N THR A 598 14.83 5.17 -13.14
CA THR A 598 15.19 5.41 -11.75
C THR A 598 13.93 5.28 -10.91
N VAL A 599 14.06 4.59 -9.78
CA VAL A 599 12.99 4.47 -8.81
C VAL A 599 13.46 5.14 -7.52
N LEU A 600 12.66 6.09 -7.05
CA LEU A 600 12.95 6.77 -5.80
C LEU A 600 11.76 6.57 -4.89
N VAL A 601 12.01 6.02 -3.71
CA VAL A 601 10.93 5.77 -2.78
C VAL A 601 11.22 6.54 -1.49
N ILE A 602 10.18 7.07 -0.87
CA ILE A 602 10.23 7.51 0.52
C ILE A 602 9.76 6.33 1.35
N GLU A 603 10.60 5.85 2.25
CA GLU A 603 10.27 4.65 3.01
C GLU A 603 10.83 4.66 4.41
N HIS A 604 10.12 3.96 5.30
CA HIS A 604 10.60 3.62 6.64
C HIS A 604 10.78 2.13 6.75
N ASN A 605 10.26 1.40 5.78
CA ASN A 605 10.32 -0.06 5.84
C ASN A 605 11.72 -0.60 5.47
N LEU A 606 12.36 -1.20 6.47
CA LEU A 606 13.72 -1.69 6.34
C LEU A 606 13.88 -2.88 5.37
N ASP A 607 12.80 -3.59 5.08
CA ASP A 607 12.84 -4.64 4.05
C ASP A 607 13.07 -4.01 2.67
N VAL A 608 12.53 -2.82 2.47
CA VAL A 608 12.72 -2.08 1.23
C VAL A 608 14.11 -1.43 1.21
N ILE A 609 14.42 -0.72 2.30
CA ILE A 609 15.65 0.06 2.42
C ILE A 609 16.91 -0.79 2.19
N LYS A 610 16.91 -2.02 2.69
CA LYS A 610 18.09 -2.90 2.62
C LYS A 610 18.38 -3.36 1.19
N THR A 611 17.36 -3.31 0.32
CA THR A 611 17.53 -3.67 -1.09
C THR A 611 17.86 -2.46 -1.96
N ALA A 612 17.84 -1.27 -1.37
CA ALA A 612 18.11 -0.06 -2.16
C ALA A 612 19.57 -0.04 -2.63
N ASP A 613 19.82 0.56 -3.79
CA ASP A 613 21.19 0.83 -4.23
C ASP A 613 21.80 2.02 -3.52
N TYR A 614 20.96 2.96 -3.12
CA TYR A 614 21.43 4.27 -2.68
C TYR A 614 20.42 4.86 -1.73
N ILE A 615 20.91 5.44 -0.65
CA ILE A 615 20.03 5.98 0.38
C ILE A 615 20.37 7.46 0.57
N ILE A 616 19.33 8.28 0.70
CA ILE A 616 19.50 9.65 1.15
C ILE A 616 18.74 9.77 2.47
N ASP A 617 19.47 9.96 3.56
CA ASP A 617 18.89 9.95 4.89
C ASP A 617 18.80 11.36 5.44
N LEU A 618 17.61 11.78 5.82
CA LEU A 618 17.39 13.13 6.33
C LEU A 618 17.24 13.11 7.82
N GLY A 619 17.48 14.26 8.46
CA GLY A 619 17.41 14.37 9.92
C GLY A 619 18.30 15.46 10.47
N PRO A 620 18.98 15.20 11.62
CA PRO A 620 18.94 13.94 12.37
C PRO A 620 17.60 13.64 13.05
N GLU A 621 16.90 14.68 13.51
CA GLU A 621 15.58 14.49 14.10
C GLU A 621 14.47 15.06 13.18
N GLY A 622 13.31 15.33 13.75
CA GLY A 622 12.21 15.91 13.00
C GLY A 622 12.05 17.38 13.33
N GLY A 623 11.32 18.10 12.50
CA GLY A 623 11.00 19.51 12.75
C GLY A 623 12.22 20.39 12.60
N ASP A 624 12.35 21.36 13.51
CA ASP A 624 13.48 22.27 13.58
C ASP A 624 14.80 21.54 13.76
N ARG A 625 14.72 20.31 14.26
CA ARG A 625 15.88 19.46 14.53
C ARG A 625 16.17 18.52 13.38
N GLY A 626 15.51 18.74 12.25
CA GLY A 626 15.73 17.95 11.04
C GLY A 626 16.06 18.83 9.85
N GLY A 627 15.79 18.34 8.65
CA GLY A 627 16.00 19.12 7.44
C GLY A 627 17.42 19.13 6.92
N GLN A 628 18.27 18.28 7.48
CA GLN A 628 19.65 18.16 7.00
C GLN A 628 19.87 16.78 6.39
N ILE A 629 20.85 16.69 5.50
CA ILE A 629 21.26 15.40 4.95
C ILE A 629 22.18 14.74 5.97
N VAL A 630 21.71 13.66 6.60
CA VAL A 630 22.50 12.97 7.64
C VAL A 630 23.53 12.04 7.00
N ALA A 631 23.10 11.27 5.99
CA ALA A 631 24.02 10.36 5.31
C ALA A 631 23.51 10.03 3.92
N VAL A 632 24.44 9.75 3.01
CA VAL A 632 24.11 9.22 1.67
C VAL A 632 24.99 7.99 1.42
N GLY A 633 24.57 7.13 0.49
CA GLY A 633 25.43 6.04 0.02
C GLY A 633 24.67 4.72 -0.04
N THR A 634 25.42 3.61 -0.10
CA THR A 634 24.80 2.28 -0.08
C THR A 634 24.20 2.01 1.30
N PRO A 635 23.29 1.03 1.40
CA PRO A 635 22.87 0.53 2.70
C PRO A 635 24.05 0.18 3.63
N GLU A 636 25.07 -0.49 3.11
CA GLU A 636 26.25 -0.81 3.92
C GLU A 636 26.95 0.43 4.44
N GLU A 637 27.01 1.49 3.63
CA GLU A 637 27.65 2.75 4.02
C GLU A 637 26.85 3.48 5.10
N VAL A 638 25.53 3.55 4.93
CA VAL A 638 24.64 4.23 5.86
C VAL A 638 24.58 3.45 7.17
N ALA A 639 24.56 2.10 7.07
CA ALA A 639 24.63 1.23 8.25
C ALA A 639 25.76 1.58 9.22
N GLU A 640 26.85 2.13 8.69
CA GLU A 640 28.01 2.46 9.53
C GLU A 640 27.95 3.85 10.17
N VAL A 641 27.01 4.69 9.74
CA VAL A 641 26.93 6.06 10.26
C VAL A 641 26.19 6.08 11.60
N LYS A 642 26.92 6.35 12.67
CA LYS A 642 26.38 6.36 14.05
C LYS A 642 25.27 7.38 14.30
N GLU A 643 25.39 8.57 13.72
CA GLU A 643 24.39 9.63 13.91
C GLU A 643 23.08 9.37 13.14
N SER A 644 23.09 8.39 12.23
CA SER A 644 21.91 8.06 11.42
C SER A 644 21.03 7.04 12.13
N HIS A 645 19.84 7.46 12.54
CA HIS A 645 18.84 6.53 13.08
C HIS A 645 18.48 5.45 12.08
N THR A 646 18.40 5.82 10.79
CA THR A 646 18.15 4.83 9.76
C THR A 646 19.27 3.77 9.75
N GLY A 647 20.53 4.22 9.73
CA GLY A 647 21.67 3.30 9.75
C GLY A 647 21.70 2.37 10.96
N ARG A 648 21.47 2.93 12.14
CA ARG A 648 21.47 2.19 13.41
C ARG A 648 20.50 1.02 13.41
N TYR A 649 19.29 1.21 12.85
CA TYR A 649 18.31 0.13 12.72
C TYR A 649 18.52 -0.74 11.48
N LEU A 650 19.14 -0.20 10.43
CA LEU A 650 19.39 -0.95 9.20
C LEU A 650 20.50 -2.01 9.38
N LYS A 651 21.57 -1.63 10.05
CA LYS A 651 22.72 -2.52 10.32
C LYS A 651 22.33 -3.92 10.81
N PRO A 652 21.55 -4.02 11.91
CA PRO A 652 21.17 -5.39 12.33
C PRO A 652 20.27 -6.16 11.33
N ILE A 653 19.55 -5.44 10.47
CA ILE A 653 18.73 -6.11 9.47
C ILE A 653 19.60 -6.72 8.36
N LEU A 654 20.58 -5.95 7.87
CA LEU A 654 21.55 -6.47 6.89
C LEU A 654 22.23 -7.73 7.44
N GLU A 655 22.66 -7.67 8.69
CA GLU A 655 23.29 -8.80 9.38
C GLU A 655 22.39 -10.02 9.55
N ARG A 656 21.16 -9.79 10.00
CA ARG A 656 20.16 -10.85 10.15
C ARG A 656 19.93 -11.56 8.82
N ASP A 657 19.76 -10.78 7.76
CA ASP A 657 19.36 -11.40 6.50
C ASP A 657 20.52 -11.94 5.66
N ARG A 658 21.73 -11.39 5.86
CA ARG A 658 22.94 -12.01 5.31
C ARG A 658 23.16 -13.39 5.94
N ALA A 659 23.01 -13.47 7.27
CA ALA A 659 23.15 -14.72 8.01
C ALA A 659 22.12 -15.77 7.58
N ARG A 660 20.89 -15.35 7.28
CA ARG A 660 19.88 -16.29 6.80
C ARG A 660 20.24 -16.85 5.42
N MET A 661 20.82 -16.02 4.58
CA MET A 661 21.30 -16.44 3.26
C MET A 661 22.41 -17.49 3.40
N GLN A 662 23.40 -17.21 4.26
CA GLN A 662 24.53 -18.10 4.47
C GLN A 662 24.12 -19.44 5.12
N ALA A 663 23.07 -19.41 5.94
CA ALA A 663 22.53 -20.62 6.56
C ALA A 663 21.84 -21.52 5.53
N ARG A 664 21.16 -20.92 4.57
CA ARG A 664 20.52 -21.68 3.48
C ARG A 664 21.52 -22.29 2.48
N TYR A 665 22.59 -21.57 2.15
CA TYR A 665 23.64 -22.10 1.28
C TYR A 665 24.24 -23.37 1.87
N GLU A 666 24.20 -23.47 3.19
CA GLU A 666 24.56 -24.70 3.90
C GLU A 666 23.54 -25.82 3.63
N ALA A 667 22.97 -25.83 2.43
CA ALA A 667 22.05 -26.86 1.96
C ALA A 667 22.74 -28.22 1.95
ZN ZN B . -27.00 -3.18 -18.81
PB ADP C . 8.64 13.87 6.73
O1B ADP C . 10.10 13.46 6.76
O2B ADP C . 7.83 13.20 7.81
O3B ADP C . 8.00 13.82 5.36
PA ADP C . 7.89 16.60 6.35
O1A ADP C . 6.42 16.33 6.22
O2A ADP C . 8.70 16.90 5.11
O3A ADP C . 8.67 15.42 7.15
O5' ADP C . 7.95 17.82 7.40
C5' ADP C . 9.18 18.44 7.77
C4' ADP C . 8.84 19.59 8.72
O4' ADP C . 8.15 20.63 7.99
C3' ADP C . 7.92 19.14 9.83
O3' ADP C . 8.41 19.66 11.07
C2' ADP C . 6.57 19.75 9.51
O2' ADP C . 5.85 20.14 10.69
C1' ADP C . 6.89 20.93 8.59
N9 ADP C . 5.84 21.09 7.55
C8 ADP C . 5.56 20.23 6.53
N7 ADP C . 4.53 20.69 5.78
C5 ADP C . 4.13 21.87 6.32
C6 ADP C . 3.10 22.89 6.03
N6 ADP C . 2.26 22.73 4.99
N1 ADP C . 3.02 23.97 6.84
C2 ADP C . 3.85 24.14 7.89
N3 ADP C . 4.81 23.25 8.22
C4 ADP C . 5.00 22.12 7.48
#